data_1MCF
#
_entry.id   1MCF
#
_cell.length_a   72.300
_cell.length_b   72.300
_cell.length_c   185.900
_cell.angle_alpha   90.00
_cell.angle_beta   90.00
_cell.angle_gamma   120.00
#
_symmetry.space_group_name_H-M   'P 31 2 1'
#
loop_
_entity.id
_entity.type
_entity.pdbx_description
1 polymer 'Immunoglobulin lambda-1 light chain'
2 polymer 'PEPTIDE N-ACETYL-L-GLN-D-PHE-L-HIS-D-PRO-B-ALA-B-ALA-OH'
#
loop_
_entity_poly.entity_id
_entity_poly.type
_entity_poly.pdbx_seq_one_letter_code
_entity_poly.pdbx_strand_id
1 'polypeptide(L)'
;PSALTQPPSASGSLGQSVTISCTGTSSDVGGYNYVSWYQQHAGKAPKVIIYEVNKRPSGVPDRFSGSKSGNTASLTVSGL
QAEDEADYYCSSYEGSDNFVFGTGTKVTVLGQPKANPTVTLFPPSSEELQANKATLVCLISDFYPGAVTVAWKADGSPVK
AGVETTKPSKQSNNKYAASSYLSLTPEQWKSHRSYSCQVTHEGSTVEKTVAPTECS
;
A,B
2 'polypeptide(L)' (ACE)Q(DPN)H(DPR)(BAL)(BAL) P
#
# COMPACT_ATOMS: atom_id res chain seq x y z
N PRO A 1 -17.20 21.06 18.24
CA PRO A 1 -17.89 20.05 17.42
C PRO A 1 -17.40 18.67 17.81
N SER A 2 -17.75 17.66 17.02
CA SER A 2 -17.26 16.30 17.27
C SER A 2 -16.60 15.63 16.07
N ALA A 3 -17.30 15.58 14.97
CA ALA A 3 -17.07 14.60 13.89
C ALA A 3 -17.89 13.38 14.38
N LEU A 4 -18.56 12.77 13.43
CA LEU A 4 -19.41 11.59 13.74
C LEU A 4 -18.60 10.67 14.66
N THR A 5 -19.14 10.38 15.80
CA THR A 5 -18.54 9.50 16.80
C THR A 5 -18.67 8.03 16.42
N GLN A 6 -17.50 7.40 16.42
CA GLN A 6 -17.35 5.95 16.26
C GLN A 6 -16.59 5.43 17.48
N PRO A 7 -16.70 4.14 17.71
CA PRO A 7 -15.88 3.43 18.73
C PRO A 7 -14.55 3.03 18.11
N PRO A 8 -13.47 3.35 18.84
CA PRO A 8 -12.11 3.38 18.28
C PRO A 8 -11.76 2.05 17.64
N SER A 9 -12.11 0.98 18.36
CA SER A 9 -11.94 -0.37 17.83
C SER A 9 -13.18 -1.23 18.09
N ALA A 10 -13.43 -2.05 17.10
CA ALA A 10 -14.53 -3.00 17.03
C ALA A 10 -13.96 -4.30 16.44
N SER A 11 -14.73 -5.37 16.59
CA SER A 11 -14.14 -6.70 16.44
C SER A 11 -15.16 -7.81 16.39
N GLY A 12 -14.68 -8.90 15.76
CA GLY A 12 -15.51 -10.14 15.74
C GLY A 12 -14.57 -11.34 15.54
N SER A 13 -15.18 -12.50 15.69
CA SER A 13 -14.55 -13.79 15.37
C SER A 13 -15.04 -14.20 13.99
N LEU A 14 -14.22 -14.97 13.29
CA LEU A 14 -14.51 -15.39 11.90
C LEU A 14 -15.90 -16.02 11.90
N GLY A 15 -16.69 -15.70 10.90
CA GLY A 15 -18.07 -16.19 10.83
C GLY A 15 -19.01 -15.52 11.80
N GLN A 16 -18.51 -15.07 12.94
CA GLN A 16 -19.31 -14.24 13.89
C GLN A 16 -19.53 -12.90 13.19
N SER A 17 -19.52 -11.78 13.94
CA SER A 17 -19.88 -10.50 13.31
C SER A 17 -19.78 -9.28 14.20
N VAL A 18 -19.73 -8.13 13.43
CA VAL A 18 -19.71 -6.83 14.23
C VAL A 18 -20.60 -5.79 13.61
N THR A 19 -21.10 -4.90 14.48
CA THR A 19 -21.95 -3.77 14.13
C THR A 19 -21.21 -2.50 14.55
N ILE A 20 -20.88 -1.67 13.58
CA ILE A 20 -20.23 -0.39 13.88
C ILE A 20 -21.30 0.69 14.13
N SER A 21 -20.98 1.57 15.07
CA SER A 21 -21.80 2.71 15.44
C SER A 21 -21.18 4.02 14.92
N CYS A 22 -22.01 4.74 14.20
CA CYS A 22 -21.66 6.15 13.80
C CYS A 22 -22.76 6.97 14.47
N THR A 23 -22.35 7.88 15.34
CA THR A 23 -23.29 8.74 16.05
C THR A 23 -23.00 10.20 15.71
N GLY A 24 -24.09 10.87 15.29
CA GLY A 24 -23.88 12.30 14.89
C GLY A 24 -24.94 13.14 15.60
N THR A 25 -25.76 13.76 14.75
CA THR A 25 -26.62 14.86 15.22
C THR A 25 -27.68 15.20 14.20
N SER A 26 -28.64 15.95 14.72
CA SER A 26 -29.88 16.30 14.02
C SER A 26 -29.61 17.13 12.78
N SER A 27 -28.39 17.63 12.67
CA SER A 27 -27.94 18.45 11.55
C SER A 27 -27.34 17.63 10.40
N ASP A 28 -27.16 16.34 10.65
CA ASP A 28 -26.38 15.50 9.72
C ASP A 28 -26.97 14.10 9.63
N VAL A 29 -26.67 13.31 10.66
CA VAL A 29 -27.05 11.89 10.71
C VAL A 29 -28.57 11.79 10.77
N GLY A 30 -29.13 12.47 11.78
CA GLY A 30 -30.59 12.82 11.71
C GLY A 30 -30.62 14.05 10.78
N GLY A 31 -31.76 14.31 10.19
CA GLY A 31 -31.89 15.45 9.26
C GLY A 31 -31.85 14.99 7.81
N TYR A 32 -30.69 14.62 7.29
CA TYR A 32 -30.61 14.02 5.96
C TYR A 32 -30.40 12.52 6.05
N ASN A 33 -30.45 11.86 4.90
CA ASN A 33 -30.28 10.40 4.81
C ASN A 33 -29.22 10.09 3.73
N TYR A 34 -27.99 10.39 4.13
CA TYR A 34 -26.82 10.34 3.26
C TYR A 34 -25.56 9.89 3.98
N VAL A 35 -25.72 8.91 4.86
CA VAL A 35 -24.58 8.37 5.61
C VAL A 35 -24.01 7.27 4.70
N SER A 36 -22.75 7.52 4.38
CA SER A 36 -21.96 6.48 3.66
C SER A 36 -20.90 5.94 4.62
N TRP A 37 -20.49 4.70 4.42
CA TRP A 37 -19.35 4.16 5.18
C TRP A 37 -18.17 3.91 4.22
N TYR A 38 -17.00 4.24 4.70
CA TYR A 38 -15.71 4.01 4.07
C TYR A 38 -14.86 2.92 4.76
N GLN A 39 -14.57 1.90 3.98
CA GLN A 39 -13.60 0.85 4.34
C GLN A 39 -12.24 1.24 3.77
N GLN A 40 -11.31 1.63 4.63
CA GLN A 40 -9.94 1.92 4.27
C GLN A 40 -8.99 0.83 4.80
N HIS A 41 -8.26 0.23 3.86
CA HIS A 41 -7.20 -0.72 4.21
C HIS A 41 -5.94 0.05 4.63
N ALA A 42 -5.15 -0.62 5.45
CA ALA A 42 -4.04 0.01 6.15
C ALA A 42 -3.20 0.89 5.24
N GLY A 43 -3.49 2.19 5.36
CA GLY A 43 -2.81 3.21 4.54
C GLY A 43 -3.04 2.81 3.08
N LYS A 44 -4.22 3.18 2.59
CA LYS A 44 -4.68 2.71 1.28
C LYS A 44 -5.84 3.59 0.81
N ALA A 45 -6.11 3.46 -0.48
CA ALA A 45 -7.34 4.02 -1.08
C ALA A 45 -8.51 3.59 -0.20
N PRO A 46 -9.36 4.57 0.10
CA PRO A 46 -10.61 4.30 0.85
C PRO A 46 -11.73 4.03 -0.15
N LYS A 47 -12.40 2.92 0.07
CA LYS A 47 -13.55 2.55 -0.77
C LYS A 47 -14.82 2.50 0.08
N VAL A 48 -15.86 2.94 -0.59
CA VAL A 48 -17.19 3.13 0.02
C VAL A 48 -17.93 1.81 -0.15
N ILE A 49 -18.66 1.49 0.89
CA ILE A 49 -19.37 0.16 0.88
C ILE A 49 -20.84 0.40 1.05
N ILE A 50 -21.17 1.42 1.84
CA ILE A 50 -22.55 1.90 1.97
C ILE A 50 -22.56 3.38 1.59
N TYR A 51 -23.60 3.81 0.89
CA TYR A 51 -23.76 5.23 0.56
C TYR A 51 -25.00 5.88 1.16
N GLU A 52 -26.10 5.18 1.22
CA GLU A 52 -27.35 5.81 1.67
C GLU A 52 -28.02 4.94 2.71
N VAL A 53 -27.54 5.15 3.94
CA VAL A 53 -27.89 4.30 5.11
C VAL A 53 -27.58 2.88 4.65
N ASN A 54 -28.54 2.11 4.19
CA ASN A 54 -28.18 0.89 3.43
C ASN A 54 -28.41 1.21 1.94
N LYS A 55 -27.38 0.88 1.19
CA LYS A 55 -27.45 0.96 -0.28
C LYS A 55 -26.34 0.12 -0.90
N ARG A 56 -26.68 -0.83 -1.75
CA ARG A 56 -25.69 -1.77 -2.35
C ARG A 56 -25.06 -1.14 -3.59
N PRO A 57 -23.77 -0.87 -3.46
CA PRO A 57 -22.95 -0.34 -4.56
C PRO A 57 -22.00 -1.42 -5.05
N SER A 58 -21.27 -1.11 -6.09
CA SER A 58 -20.38 -2.01 -6.79
C SER A 58 -19.55 -2.95 -5.93
N GLY A 59 -19.89 -4.23 -6.11
CA GLY A 59 -19.17 -5.37 -5.58
C GLY A 59 -18.80 -5.13 -4.13
N VAL A 60 -19.81 -5.22 -3.28
CA VAL A 60 -19.57 -5.32 -1.82
C VAL A 60 -20.13 -6.69 -1.44
N PRO A 61 -19.31 -7.69 -1.71
CA PRO A 61 -19.69 -9.08 -1.43
C PRO A 61 -19.82 -9.22 0.07
N ASP A 62 -20.72 -10.11 0.45
CA ASP A 62 -21.05 -10.40 1.84
C ASP A 62 -22.01 -9.34 2.43
N ARG A 63 -22.38 -9.65 3.65
CA ARG A 63 -23.22 -8.92 4.56
C ARG A 63 -22.53 -7.65 5.11
N PHE A 64 -22.84 -6.58 4.45
CA PHE A 64 -22.41 -5.20 4.67
C PHE A 64 -23.83 -4.54 4.60
N SER A 65 -24.28 -4.50 5.84
CA SER A 65 -25.64 -3.93 6.04
C SER A 65 -25.38 -2.50 6.55
N GLY A 66 -26.20 -1.62 6.05
CA GLY A 66 -26.29 -0.26 6.60
C GLY A 66 -27.72 -0.13 7.18
N SER A 67 -27.74 0.43 8.37
CA SER A 67 -29.01 0.74 9.05
C SER A 67 -28.66 1.91 9.97
N LYS A 68 -29.49 2.93 9.91
CA LYS A 68 -29.42 4.04 10.88
C LYS A 68 -30.70 4.03 11.71
N SER A 69 -30.52 4.15 13.02
CA SER A 69 -31.56 4.39 14.00
C SER A 69 -31.55 5.85 14.49
N GLY A 70 -32.31 6.64 13.75
CA GLY A 70 -32.54 8.05 14.08
C GLY A 70 -31.28 8.90 13.87
N ASN A 71 -30.51 9.05 14.93
CA ASN A 71 -29.40 10.04 14.95
C ASN A 71 -28.08 9.28 14.99
N THR A 72 -28.29 7.95 15.02
CA THR A 72 -27.10 7.03 15.06
C THR A 72 -27.24 6.12 13.87
N ALA A 73 -26.22 6.02 13.07
CA ALA A 73 -26.12 5.05 11.97
C ALA A 73 -25.25 3.87 12.44
N SER A 74 -25.25 2.84 11.62
CA SER A 74 -24.54 1.60 11.90
C SER A 74 -24.44 0.72 10.66
N LEU A 75 -23.35 -0.04 10.67
CA LEU A 75 -23.14 -1.04 9.57
C LEU A 75 -22.88 -2.39 10.21
N THR A 76 -23.10 -3.47 9.48
CA THR A 76 -22.75 -4.81 10.03
C THR A 76 -22.05 -5.73 9.03
N VAL A 77 -21.17 -6.52 9.63
CA VAL A 77 -20.34 -7.50 8.93
C VAL A 77 -20.69 -8.91 9.46
N SER A 78 -21.80 -9.38 8.89
CA SER A 78 -22.37 -10.68 9.22
C SER A 78 -21.54 -11.73 8.45
N GLY A 79 -21.00 -12.60 9.28
CA GLY A 79 -20.27 -13.79 8.74
C GLY A 79 -18.88 -13.24 8.39
N LEU A 80 -18.08 -13.22 9.44
CA LEU A 80 -16.78 -12.55 9.38
C LEU A 80 -15.78 -13.29 8.51
N GLN A 81 -15.23 -12.48 7.64
CA GLN A 81 -14.15 -12.81 6.70
C GLN A 81 -12.99 -11.95 7.20
N ALA A 82 -11.79 -12.42 7.03
CA ALA A 82 -10.60 -11.77 7.60
C ALA A 82 -10.10 -10.58 6.79
N GLU A 83 -10.48 -10.56 5.52
CA GLU A 83 -10.16 -9.48 4.60
C GLU A 83 -10.78 -8.18 5.10
N ASP A 84 -11.87 -8.33 5.85
CA ASP A 84 -12.59 -7.22 6.45
C ASP A 84 -11.77 -6.50 7.51
N GLU A 85 -10.70 -7.12 7.97
CA GLU A 85 -9.83 -6.40 8.97
C GLU A 85 -9.38 -5.11 8.31
N ALA A 86 -9.81 -3.96 8.82
CA ALA A 86 -9.46 -2.66 8.20
C ALA A 86 -9.68 -1.48 9.12
N ASP A 87 -10.10 -0.38 8.51
CA ASP A 87 -10.52 0.86 9.18
C ASP A 87 -11.83 1.34 8.54
N TYR A 88 -12.82 1.60 9.37
CA TYR A 88 -14.16 2.02 8.95
C TYR A 88 -14.44 3.44 9.43
N TYR A 89 -14.83 4.25 8.46
CA TYR A 89 -15.22 5.65 8.65
C TYR A 89 -16.66 5.77 8.13
N CYS A 90 -17.40 6.70 8.70
CA CYS A 90 -18.78 6.98 8.28
C CYS A 90 -18.79 8.46 7.86
N SER A 91 -19.90 8.87 7.30
CA SER A 91 -20.03 10.26 6.85
C SER A 91 -21.51 10.62 6.75
N SER A 92 -21.75 11.89 7.06
CA SER A 92 -23.10 12.45 6.82
C SER A 92 -22.91 13.87 6.26
N TYR A 93 -23.88 14.21 5.44
CA TYR A 93 -23.97 15.62 4.91
C TYR A 93 -24.40 16.43 6.13
N GLU A 94 -24.14 17.72 6.12
CA GLU A 94 -24.53 18.58 7.26
C GLU A 94 -25.24 19.82 6.77
N GLY A 95 -25.26 19.95 5.45
CA GLY A 95 -25.95 21.05 4.77
C GLY A 95 -24.99 21.77 3.84
N SER A 96 -25.35 23.01 3.55
CA SER A 96 -24.57 23.94 2.74
C SER A 96 -23.32 23.24 2.20
N ASP A 97 -23.55 22.38 1.25
CA ASP A 97 -22.72 21.46 0.56
C ASP A 97 -21.70 20.64 1.32
N ASN A 98 -21.64 20.66 2.64
CA ASN A 98 -20.57 19.96 3.37
C ASN A 98 -20.99 18.56 3.87
N PHE A 99 -19.91 17.76 3.92
CA PHE A 99 -19.92 16.40 4.47
C PHE A 99 -18.95 16.38 5.66
N VAL A 100 -19.35 15.63 6.63
CA VAL A 100 -18.55 15.35 7.84
C VAL A 100 -18.29 13.84 7.86
N PHE A 101 -17.22 13.48 8.54
CA PHE A 101 -16.78 12.09 8.69
C PHE A 101 -17.01 11.61 10.11
N GLY A 102 -16.71 10.34 10.32
CA GLY A 102 -16.72 9.71 11.64
C GLY A 102 -15.25 9.53 12.07
N THR A 103 -15.02 9.42 13.36
CA THR A 103 -13.69 9.36 13.93
C THR A 103 -12.97 8.04 13.71
N GLY A 104 -13.52 7.17 12.90
CA GLY A 104 -12.98 5.87 12.59
C GLY A 104 -13.16 4.81 13.66
N THR A 105 -13.11 3.59 13.16
CA THR A 105 -13.15 2.34 13.92
C THR A 105 -12.12 1.42 13.25
N LYS A 106 -11.18 0.92 14.03
CA LYS A 106 -10.25 -0.13 13.52
C LYS A 106 -11.03 -1.44 13.70
N VAL A 107 -11.22 -2.19 12.64
CA VAL A 107 -11.99 -3.45 12.81
C VAL A 107 -11.07 -4.66 12.62
N THR A 108 -10.96 -5.42 13.71
CA THR A 108 -10.17 -6.67 13.63
C THR A 108 -11.01 -7.92 13.81
N VAL A 109 -10.54 -8.95 13.09
CA VAL A 109 -11.10 -10.30 13.16
C VAL A 109 -10.27 -11.13 14.15
N LEU A 110 -10.86 -12.21 14.60
CA LEU A 110 -10.28 -13.15 15.55
C LEU A 110 -10.37 -14.56 14.94
N GLY A 111 -9.53 -15.45 15.42
CA GLY A 111 -9.65 -16.88 15.04
C GLY A 111 -8.86 -17.22 13.80
N GLN A 112 -8.40 -16.20 13.09
CA GLN A 112 -7.39 -16.35 12.03
C GLN A 112 -6.20 -17.11 12.61
N PRO A 113 -5.86 -18.21 11.96
CA PRO A 113 -4.83 -19.14 12.42
C PRO A 113 -3.41 -18.61 12.32
N LYS A 114 -2.54 -19.37 12.98
CA LYS A 114 -1.09 -19.13 12.96
C LYS A 114 -0.49 -19.74 11.71
N ALA A 115 0.51 -19.06 11.21
CA ALA A 115 1.23 -19.46 10.00
C ALA A 115 2.68 -18.95 10.15
N ASN A 116 3.58 -19.89 9.99
CA ASN A 116 5.02 -19.61 9.98
C ASN A 116 5.45 -19.24 8.52
N PRO A 117 6.36 -18.29 8.48
CA PRO A 117 6.74 -17.64 7.23
C PRO A 117 7.33 -18.56 6.19
N THR A 118 7.29 -18.08 4.95
CA THR A 118 7.92 -18.66 3.78
C THR A 118 9.23 -17.86 3.68
N VAL A 119 10.29 -18.59 3.92
CA VAL A 119 11.64 -18.01 3.93
C VAL A 119 12.29 -18.37 2.59
N THR A 120 12.49 -17.31 1.82
CA THR A 120 13.22 -17.42 0.55
C THR A 120 14.44 -16.52 0.59
N LEU A 121 15.59 -17.17 0.70
CA LEU A 121 16.90 -16.54 0.58
C LEU A 121 17.35 -16.47 -0.89
N PHE A 122 17.95 -15.32 -1.19
CA PHE A 122 18.36 -14.93 -2.53
C PHE A 122 19.82 -14.44 -2.53
N PRO A 123 20.59 -14.97 -3.45
CA PRO A 123 21.97 -14.51 -3.72
C PRO A 123 21.98 -13.40 -4.75
N PRO A 124 23.05 -12.62 -4.79
CA PRO A 124 23.19 -11.46 -5.68
C PRO A 124 23.00 -11.82 -7.14
N SER A 125 22.20 -11.03 -7.83
CA SER A 125 21.99 -11.16 -9.28
C SER A 125 23.30 -10.98 -10.03
N SER A 126 23.49 -11.87 -11.00
CA SER A 126 24.71 -11.85 -11.84
C SER A 126 24.96 -10.40 -12.27
N GLU A 127 23.88 -9.81 -12.77
CA GLU A 127 23.91 -8.43 -13.27
C GLU A 127 24.54 -7.53 -12.21
N GLU A 128 24.05 -7.64 -10.98
CA GLU A 128 24.47 -6.73 -9.90
C GLU A 128 25.92 -6.93 -9.53
N LEU A 129 26.41 -8.15 -9.79
CA LEU A 129 27.86 -8.40 -9.57
C LEU A 129 28.69 -7.85 -10.74
N GLN A 130 28.09 -7.84 -11.92
CA GLN A 130 28.78 -7.26 -13.10
C GLN A 130 28.95 -5.75 -12.85
N ALA A 131 27.93 -5.22 -12.20
CA ALA A 131 27.88 -3.83 -11.75
C ALA A 131 28.74 -3.54 -10.53
N ASN A 132 29.26 -4.58 -9.91
CA ASN A 132 30.24 -4.50 -8.82
C ASN A 132 29.63 -4.48 -7.44
N LYS A 133 28.35 -4.68 -7.29
CA LYS A 133 27.75 -4.66 -5.92
C LYS A 133 27.32 -6.07 -5.57
N ALA A 134 26.69 -6.24 -4.42
CA ALA A 134 26.15 -7.59 -4.11
C ALA A 134 25.18 -7.48 -2.94
N THR A 135 23.94 -7.83 -3.20
CA THR A 135 22.89 -7.76 -2.19
C THR A 135 22.25 -9.16 -2.06
N LEU A 136 21.96 -9.46 -0.81
CA LEU A 136 21.28 -10.71 -0.45
C LEU A 136 19.93 -10.29 0.14
N VAL A 137 18.90 -10.95 -0.30
CA VAL A 137 17.52 -10.70 0.10
C VAL A 137 16.96 -11.97 0.73
N CYS A 138 16.22 -11.77 1.78
CA CYS A 138 15.50 -12.79 2.52
C CYS A 138 14.06 -12.28 2.39
N LEU A 139 13.20 -13.12 1.87
CA LEU A 139 11.77 -12.80 1.78
C LEU A 139 10.99 -13.73 2.72
N ILE A 140 10.49 -13.06 3.75
CA ILE A 140 9.64 -13.72 4.78
C ILE A 140 8.20 -13.39 4.39
N SER A 141 7.40 -14.39 4.09
CA SER A 141 6.02 -14.15 3.64
C SER A 141 5.04 -15.20 4.12
N ASP A 142 3.76 -14.93 3.90
CA ASP A 142 2.65 -15.78 4.30
C ASP A 142 2.65 -16.16 5.77
N PHE A 143 2.94 -15.24 6.65
CA PHE A 143 2.92 -15.53 8.09
C PHE A 143 1.84 -14.73 8.82
N TYR A 144 1.19 -15.42 9.75
CA TYR A 144 0.29 -14.70 10.72
C TYR A 144 0.54 -15.21 12.12
N PRO A 145 0.67 -14.35 13.12
CA PRO A 145 0.64 -12.91 13.06
C PRO A 145 1.92 -12.27 12.56
N GLY A 146 1.85 -10.97 12.27
CA GLY A 146 2.95 -10.21 11.71
C GLY A 146 4.00 -9.78 12.70
N ALA A 147 4.47 -10.69 13.54
CA ALA A 147 5.60 -10.45 14.45
C ALA A 147 6.70 -11.46 14.13
N VAL A 148 7.89 -10.97 13.87
CA VAL A 148 8.99 -11.78 13.31
C VAL A 148 10.34 -11.13 13.59
N THR A 149 11.40 -11.96 13.63
CA THR A 149 12.75 -11.37 13.66
C THR A 149 13.77 -12.16 12.85
N VAL A 150 14.57 -11.35 12.14
CA VAL A 150 15.55 -11.79 11.18
C VAL A 150 16.98 -11.53 11.65
N ALA A 151 17.74 -12.60 11.62
CA ALA A 151 19.20 -12.56 11.82
C ALA A 151 19.89 -12.81 10.47
N TRP A 152 21.13 -12.40 10.41
CA TRP A 152 22.04 -12.67 9.32
C TRP A 152 23.35 -13.22 9.95
N LYS A 153 24.01 -14.02 9.13
CA LYS A 153 25.26 -14.62 9.59
C LYS A 153 26.27 -14.54 8.43
N ALA A 154 27.49 -14.38 8.87
CA ALA A 154 28.65 -14.72 7.98
C ALA A 154 28.66 -16.25 8.05
N ASP A 155 29.64 -16.83 8.69
CA ASP A 155 29.59 -18.29 8.97
C ASP A 155 29.33 -18.46 10.47
N GLY A 156 28.12 -18.82 10.83
CA GLY A 156 27.75 -19.09 12.23
C GLY A 156 27.95 -17.87 13.11
N SER A 157 29.17 -17.35 13.14
CA SER A 157 29.40 -16.00 13.72
C SER A 157 28.57 -15.03 12.86
N PRO A 158 27.86 -14.15 13.55
CA PRO A 158 26.78 -13.36 12.93
C PRO A 158 27.31 -12.12 12.24
N VAL A 159 26.56 -11.63 11.28
CA VAL A 159 26.77 -10.26 10.75
C VAL A 159 25.64 -9.40 11.33
N LYS A 160 26.00 -8.50 12.23
CA LYS A 160 24.98 -7.65 12.87
C LYS A 160 24.79 -6.35 12.10
N ALA A 161 25.55 -6.15 11.03
CA ALA A 161 25.57 -4.83 10.38
C ALA A 161 25.44 -4.90 8.86
N GLY A 162 24.84 -3.86 8.31
CA GLY A 162 24.66 -3.71 6.85
C GLY A 162 23.39 -4.44 6.40
N VAL A 163 22.62 -4.83 7.40
CA VAL A 163 21.33 -5.49 7.24
C VAL A 163 20.26 -4.39 7.40
N GLU A 164 19.40 -4.31 6.41
CA GLU A 164 18.18 -3.48 6.58
C GLU A 164 17.00 -4.46 6.57
N THR A 165 16.18 -4.34 7.59
CA THR A 165 15.01 -5.20 7.77
C THR A 165 13.73 -4.38 7.72
N THR A 166 12.81 -4.85 6.91
CA THR A 166 11.47 -4.26 6.79
C THR A 166 10.62 -4.56 8.01
N LYS A 167 9.71 -3.65 8.29
CA LYS A 167 8.59 -3.90 9.24
C LYS A 167 7.43 -4.44 8.38
N PRO A 168 6.74 -5.46 8.87
CA PRO A 168 5.84 -6.29 8.08
C PRO A 168 4.60 -5.63 7.50
N SER A 169 4.16 -6.11 6.33
CA SER A 169 2.92 -5.65 5.69
C SER A 169 1.93 -6.80 5.57
N LYS A 170 0.67 -6.50 5.79
CA LYS A 170 -0.45 -7.42 5.45
C LYS A 170 -0.45 -7.57 3.94
N GLN A 171 -0.50 -8.79 3.45
CA GLN A 171 -0.64 -9.06 2.01
C GLN A 171 -1.93 -9.85 1.79
N SER A 172 -2.55 -9.58 0.66
CA SER A 172 -3.86 -10.06 0.27
C SER A 172 -4.05 -11.57 0.39
N ASN A 173 -4.11 -12.01 1.62
CA ASN A 173 -4.44 -13.35 2.07
C ASN A 173 -4.33 -13.24 3.62
N ASN A 174 -4.32 -11.97 4.00
CA ASN A 174 -4.19 -11.50 5.37
C ASN A 174 -2.78 -11.68 5.91
N LYS A 175 -2.09 -12.69 5.45
CA LYS A 175 -0.76 -13.03 5.96
C LYS A 175 0.22 -11.90 5.68
N TYR A 176 1.23 -11.78 6.52
CA TYR A 176 2.25 -10.73 6.41
C TYR A 176 3.40 -11.11 5.49
N ALA A 177 4.15 -10.07 5.17
CA ALA A 177 5.31 -10.10 4.29
C ALA A 177 6.32 -9.02 4.73
N ALA A 178 7.52 -9.51 5.01
CA ALA A 178 8.66 -8.71 5.38
C ALA A 178 9.89 -9.12 4.55
N SER A 179 10.80 -8.17 4.44
CA SER A 179 12.06 -8.32 3.70
C SER A 179 13.24 -8.08 4.63
N SER A 180 14.31 -8.81 4.40
CA SER A 180 15.60 -8.54 5.11
C SER A 180 16.71 -8.59 4.06
N TYR A 181 17.70 -7.72 4.17
CA TYR A 181 18.71 -7.64 3.09
C TYR A 181 20.06 -7.13 3.58
N LEU A 182 21.06 -7.77 3.02
CA LEU A 182 22.48 -7.57 3.35
C LEU A 182 23.16 -6.95 2.13
N SER A 183 23.82 -5.84 2.42
CA SER A 183 24.61 -5.09 1.43
C SER A 183 26.05 -5.58 1.61
N LEU A 184 26.58 -6.19 0.57
CA LEU A 184 27.97 -6.61 0.54
C LEU A 184 28.68 -6.08 -0.71
N THR A 185 29.99 -6.35 -0.67
CA THR A 185 30.90 -6.22 -1.79
C THR A 185 31.28 -7.60 -2.34
N PRO A 186 31.37 -7.66 -3.66
CA PRO A 186 31.72 -8.87 -4.40
C PRO A 186 32.78 -9.67 -3.69
N GLU A 187 33.87 -8.97 -3.38
CA GLU A 187 35.04 -9.52 -2.70
C GLU A 187 34.61 -10.27 -1.43
N GLN A 188 33.84 -9.58 -0.62
CA GLN A 188 33.24 -10.10 0.60
C GLN A 188 32.55 -11.44 0.33
N TRP A 189 31.49 -11.37 -0.44
CA TRP A 189 30.66 -12.58 -0.69
C TRP A 189 31.39 -13.71 -1.41
N LYS A 190 32.52 -13.41 -2.02
CA LYS A 190 33.34 -14.51 -2.57
C LYS A 190 34.14 -15.13 -1.43
N SER A 191 34.62 -14.28 -0.54
CA SER A 191 35.45 -14.61 0.60
C SER A 191 34.75 -15.22 1.80
N HIS A 192 33.59 -15.84 1.64
CA HIS A 192 32.89 -16.51 2.74
C HIS A 192 32.35 -17.87 2.35
N ARG A 193 32.19 -18.76 3.33
CA ARG A 193 31.73 -20.14 3.13
C ARG A 193 30.24 -20.32 2.91
N SER A 194 29.43 -19.55 3.58
CA SER A 194 27.96 -19.60 3.56
C SER A 194 27.51 -18.31 4.30
N TYR A 195 26.46 -17.69 3.80
CA TYR A 195 25.71 -16.71 4.60
C TYR A 195 24.37 -17.35 4.98
N SER A 196 23.85 -16.92 6.14
CA SER A 196 22.43 -17.41 6.38
C SER A 196 21.51 -16.36 6.97
N CYS A 197 20.22 -16.68 6.83
CA CYS A 197 19.11 -15.84 7.27
C CYS A 197 18.27 -16.61 8.29
N GLN A 198 18.32 -16.15 9.53
CA GLN A 198 17.51 -16.81 10.60
C GLN A 198 16.22 -16.04 10.77
N VAL A 199 15.10 -16.75 10.84
CA VAL A 199 13.76 -16.11 10.95
C VAL A 199 12.95 -16.78 12.07
N THR A 200 12.65 -15.95 13.07
CA THR A 200 11.96 -16.43 14.26
C THR A 200 10.54 -15.88 14.37
N HIS A 201 9.62 -16.84 14.46
CA HIS A 201 8.17 -16.46 14.47
C HIS A 201 7.38 -17.40 15.35
N GLU A 202 6.76 -16.85 16.38
CA GLU A 202 5.93 -17.62 17.32
C GLU A 202 6.83 -18.76 17.83
N GLY A 203 8.02 -18.34 18.22
CA GLY A 203 9.05 -19.23 18.74
C GLY A 203 9.46 -20.34 17.79
N SER A 204 9.43 -20.04 16.50
CA SER A 204 9.81 -21.06 15.50
C SER A 204 10.77 -20.48 14.48
N THR A 205 12.00 -20.99 14.57
CA THR A 205 13.10 -20.58 13.71
C THR A 205 13.12 -21.45 12.44
N VAL A 206 13.19 -20.71 11.35
CA VAL A 206 13.55 -21.23 10.03
C VAL A 206 14.94 -20.56 9.82
N GLU A 207 15.69 -21.20 8.99
CA GLU A 207 17.12 -20.85 8.79
C GLU A 207 17.35 -21.29 7.34
N LYS A 208 17.37 -20.28 6.49
CA LYS A 208 17.73 -20.60 5.06
C LYS A 208 19.20 -20.24 4.97
N THR A 209 19.92 -20.93 4.11
CA THR A 209 21.37 -20.73 3.94
C THR A 209 21.73 -20.54 2.47
N VAL A 210 22.46 -19.47 2.18
CA VAL A 210 22.96 -19.20 0.82
C VAL A 210 24.48 -19.19 0.73
N ALA A 211 24.99 -20.06 -0.15
CA ALA A 211 26.41 -20.19 -0.48
C ALA A 211 26.65 -19.92 -1.97
N PRO A 212 27.66 -19.09 -2.25
CA PRO A 212 28.08 -18.75 -3.61
C PRO A 212 28.19 -19.97 -4.51
N THR A 213 27.05 -20.33 -5.08
CA THR A 213 26.90 -21.54 -5.92
C THR A 213 25.79 -21.27 -6.90
N GLU A 214 26.03 -20.25 -7.73
CA GLU A 214 25.03 -19.76 -8.67
C GLU A 214 25.41 -20.00 -10.14
N CYS A 215 24.50 -20.72 -10.76
CA CYS A 215 24.50 -21.08 -12.17
C CYS A 215 24.19 -19.84 -13.01
N SER A 216 24.96 -18.79 -12.83
CA SER A 216 24.66 -17.49 -13.43
C SER A 216 25.63 -17.16 -14.55
N PRO B 1 -12.27 1.02 -10.48
CA PRO B 1 -11.31 0.24 -9.67
C PRO B 1 -10.08 1.12 -9.50
N SER B 2 -8.94 0.61 -9.94
CA SER B 2 -7.79 1.55 -10.22
C SER B 2 -8.15 2.08 -11.62
N ALA B 3 -8.67 3.30 -11.59
CA ALA B 3 -9.03 4.01 -12.83
C ALA B 3 -8.52 5.45 -12.73
N LEU B 4 -8.35 5.90 -11.51
CA LEU B 4 -7.80 7.25 -11.25
C LEU B 4 -6.40 7.00 -10.74
N THR B 5 -5.44 7.56 -11.44
CA THR B 5 -4.02 7.37 -11.13
C THR B 5 -3.48 8.65 -10.53
N GLN B 6 -2.80 8.48 -9.42
CA GLN B 6 -2.14 9.56 -8.69
C GLN B 6 -0.68 9.16 -8.35
N PRO B 7 0.18 10.15 -8.42
CA PRO B 7 1.60 9.98 -8.11
C PRO B 7 1.92 9.42 -6.75
N PRO B 8 2.88 8.50 -6.73
CA PRO B 8 3.52 7.96 -5.53
C PRO B 8 3.75 8.99 -4.46
N SER B 9 4.23 10.17 -4.83
CA SER B 9 4.51 11.21 -3.83
C SER B 9 4.77 12.56 -4.45
N ALA B 10 4.37 13.59 -3.71
CA ALA B 10 4.58 15.00 -4.01
C ALA B 10 5.19 15.66 -2.77
N SER B 11 6.35 16.22 -2.96
CA SER B 11 7.15 16.75 -1.85
C SER B 11 7.64 18.14 -2.22
N GLY B 12 7.83 18.93 -1.18
CA GLY B 12 8.35 20.30 -1.34
C GLY B 12 8.99 20.80 -0.05
N SER B 13 9.55 21.97 -0.22
CA SER B 13 10.03 22.77 0.92
C SER B 13 8.87 23.70 1.33
N LEU B 14 8.94 24.11 2.58
CA LEU B 14 8.04 25.12 3.13
C LEU B 14 8.04 26.33 2.20
N GLY B 15 6.84 26.78 1.85
CA GLY B 15 6.76 28.00 1.00
C GLY B 15 6.71 27.59 -0.47
N GLN B 16 7.02 26.33 -0.73
CA GLN B 16 6.98 25.80 -2.09
C GLN B 16 5.59 25.24 -2.40
N SER B 17 5.16 25.50 -3.63
CA SER B 17 3.90 25.04 -4.17
C SER B 17 4.04 23.65 -4.79
N VAL B 18 3.27 22.73 -4.24
CA VAL B 18 3.17 21.36 -4.80
C VAL B 18 2.09 21.40 -5.88
N THR B 19 1.74 20.27 -6.41
CA THR B 19 0.69 19.94 -7.32
C THR B 19 0.61 18.39 -7.37
N ILE B 20 -0.62 17.94 -7.37
CA ILE B 20 -0.93 16.50 -7.40
C ILE B 20 -1.93 16.32 -8.55
N SER B 21 -2.01 15.12 -9.09
CA SER B 21 -2.86 14.86 -10.24
C SER B 21 -3.68 13.58 -10.09
N CYS B 22 -4.85 13.63 -10.72
CA CYS B 22 -5.74 12.51 -10.90
C CYS B 22 -6.04 12.43 -12.40
N THR B 23 -5.36 11.41 -12.95
CA THR B 23 -5.62 11.10 -14.39
C THR B 23 -6.58 9.92 -14.41
N GLY B 24 -7.64 10.07 -15.17
CA GLY B 24 -8.69 9.05 -15.29
C GLY B 24 -8.51 8.30 -16.61
N THR B 25 -9.15 7.15 -16.68
CA THR B 25 -9.08 6.27 -17.84
C THR B 25 -10.38 6.17 -18.61
N SER B 26 -10.29 5.54 -19.77
CA SER B 26 -11.33 5.07 -20.63
C SER B 26 -12.72 5.67 -20.56
N SER B 27 -13.31 5.78 -19.40
CA SER B 27 -14.68 6.09 -19.12
C SER B 27 -15.25 7.47 -19.35
N ASP B 28 -15.27 8.33 -18.32
CA ASP B 28 -16.14 9.52 -18.27
C ASP B 28 -15.54 10.87 -18.58
N VAL B 29 -14.39 11.25 -18.08
CA VAL B 29 -13.78 12.58 -18.25
C VAL B 29 -14.71 13.66 -17.71
N GLY B 30 -14.72 14.82 -18.37
CA GLY B 30 -15.71 15.87 -18.16
C GLY B 30 -17.12 15.28 -18.13
N GLY B 31 -17.23 14.13 -18.79
CA GLY B 31 -18.45 13.26 -18.66
C GLY B 31 -18.81 13.31 -17.17
N TYR B 32 -17.83 12.96 -16.33
CA TYR B 32 -17.96 13.33 -14.93
C TYR B 32 -17.00 14.40 -14.45
N ASN B 33 -17.66 15.54 -14.19
CA ASN B 33 -17.08 16.74 -13.60
C ASN B 33 -16.93 16.59 -12.10
N TYR B 34 -17.46 15.52 -11.53
CA TYR B 34 -17.63 15.36 -10.10
C TYR B 34 -16.41 15.13 -9.23
N VAL B 35 -15.28 15.73 -9.50
CA VAL B 35 -14.01 15.34 -8.85
C VAL B 35 -13.82 16.01 -7.50
N SER B 36 -13.68 15.18 -6.46
CA SER B 36 -13.41 15.71 -5.10
C SER B 36 -12.05 15.28 -4.56
N TRP B 37 -11.38 16.19 -3.85
CA TRP B 37 -10.07 15.93 -3.23
C TRP B 37 -10.18 15.77 -1.72
N TYR B 38 -9.58 14.72 -1.18
CA TYR B 38 -9.60 14.45 0.25
C TYR B 38 -8.15 14.46 0.80
N GLN B 39 -8.08 15.06 1.95
CA GLN B 39 -6.84 15.09 2.77
C GLN B 39 -7.05 14.04 3.86
N GLN B 40 -5.96 13.47 4.31
CA GLN B 40 -6.00 12.45 5.37
C GLN B 40 -4.61 12.36 5.98
N HIS B 41 -4.55 12.77 7.23
CA HIS B 41 -3.33 12.65 8.02
C HIS B 41 -3.41 11.31 8.78
N ALA B 42 -2.22 10.87 9.15
CA ALA B 42 -2.00 9.57 9.75
C ALA B 42 -2.97 9.22 10.86
N GLY B 43 -3.99 8.47 10.50
CA GLY B 43 -4.84 7.80 11.52
C GLY B 43 -5.78 8.85 12.11
N LYS B 44 -6.05 9.84 11.26
CA LYS B 44 -7.20 10.76 11.49
C LYS B 44 -8.13 10.49 10.31
N ALA B 45 -9.34 10.97 10.38
CA ALA B 45 -10.31 10.72 9.28
C ALA B 45 -9.87 11.56 8.08
N PRO B 46 -10.46 11.19 6.95
CA PRO B 46 -10.42 12.04 5.74
C PRO B 46 -11.15 13.35 5.99
N LYS B 47 -10.58 14.43 5.51
CA LYS B 47 -11.27 15.73 5.46
C LYS B 47 -11.33 16.08 3.97
N VAL B 48 -12.51 16.31 3.44
CA VAL B 48 -12.60 16.82 2.06
C VAL B 48 -12.05 18.26 2.08
N ILE B 49 -11.41 18.60 0.96
CA ILE B 49 -10.90 19.97 0.80
C ILE B 49 -11.15 20.55 -0.56
N ILE B 50 -11.79 19.79 -1.43
CA ILE B 50 -12.21 20.24 -2.76
C ILE B 50 -13.43 19.40 -3.19
N TYR B 51 -14.46 20.08 -3.66
CA TYR B 51 -15.59 19.39 -4.34
C TYR B 51 -15.86 20.00 -5.71
N GLU B 52 -16.62 19.29 -6.55
CA GLU B 52 -17.02 19.75 -7.89
C GLU B 52 -15.85 20.18 -8.75
N VAL B 53 -14.71 19.53 -8.63
CA VAL B 53 -13.46 19.83 -9.29
C VAL B 53 -12.67 20.99 -8.70
N ASN B 54 -13.27 22.15 -8.51
CA ASN B 54 -12.48 23.32 -8.06
C ASN B 54 -12.96 23.94 -6.76
N LYS B 55 -14.05 23.48 -6.21
CA LYS B 55 -14.85 24.22 -5.23
C LYS B 55 -14.17 24.79 -4.02
N ARG B 56 -13.82 23.95 -3.08
CA ARG B 56 -13.23 24.34 -1.79
C ARG B 56 -14.35 24.76 -0.84
N PRO B 57 -14.60 23.87 0.13
CA PRO B 57 -15.68 24.04 1.11
C PRO B 57 -15.22 24.75 2.36
N SER B 58 -16.11 24.83 3.33
CA SER B 58 -15.98 25.75 4.47
C SER B 58 -14.93 25.34 5.49
N GLY B 59 -13.92 26.20 5.59
CA GLY B 59 -12.84 26.10 6.59
C GLY B 59 -11.56 25.58 5.93
N VAL B 60 -11.50 25.78 4.64
CA VAL B 60 -10.43 25.23 3.80
C VAL B 60 -9.60 26.44 3.36
N PRO B 61 -8.33 26.41 3.73
CA PRO B 61 -7.39 27.46 3.32
C PRO B 61 -7.54 27.67 1.81
N ASP B 62 -7.54 28.94 1.47
CA ASP B 62 -7.70 29.39 0.07
C ASP B 62 -6.42 29.18 -0.73
N ARG B 63 -5.39 28.60 -0.08
CA ARG B 63 -4.20 28.15 -0.79
C ARG B 63 -4.28 26.67 -1.19
N PHE B 64 -5.45 26.07 -1.01
CA PHE B 64 -5.72 24.75 -1.66
C PHE B 64 -6.46 25.03 -2.97
N SER B 65 -5.79 24.85 -4.09
CA SER B 65 -6.45 25.12 -5.41
C SER B 65 -6.84 23.82 -6.11
N GLY B 66 -7.86 23.84 -6.96
CA GLY B 66 -8.39 22.63 -7.65
C GLY B 66 -8.77 22.92 -9.08
N SER B 67 -8.42 22.05 -10.02
CA SER B 67 -8.59 22.32 -11.47
C SER B 67 -8.66 21.00 -12.24
N LYS B 68 -9.45 20.93 -13.29
CA LYS B 68 -9.45 19.71 -14.13
C LYS B 68 -9.55 20.09 -15.61
N SER B 69 -8.97 19.21 -16.40
CA SER B 69 -8.90 19.37 -17.86
C SER B 69 -8.52 18.02 -18.47
N GLY B 70 -9.26 17.71 -19.51
CA GLY B 70 -9.12 16.38 -20.18
C GLY B 70 -9.45 15.34 -19.09
N ASN B 71 -8.72 14.25 -19.18
CA ASN B 71 -8.78 13.20 -18.17
C ASN B 71 -7.91 13.54 -16.97
N THR B 72 -7.67 14.82 -16.71
CA THR B 72 -6.75 15.14 -15.59
C THR B 72 -7.06 16.34 -14.74
N ALA B 73 -7.12 16.04 -13.43
CA ALA B 73 -7.46 16.92 -12.32
C ALA B 73 -6.24 17.17 -11.44
N SER B 74 -6.04 18.39 -11.00
CA SER B 74 -4.85 18.87 -10.32
C SER B 74 -5.24 19.68 -9.09
N LEU B 75 -4.59 19.37 -8.01
CA LEU B 75 -4.84 20.06 -6.72
C LEU B 75 -3.50 20.66 -6.33
N THR B 76 -3.54 21.84 -5.76
CA THR B 76 -2.28 22.60 -5.58
C THR B 76 -2.19 23.08 -4.13
N VAL B 77 -0.90 23.07 -3.69
CA VAL B 77 -0.77 23.62 -2.27
C VAL B 77 0.26 24.74 -2.47
N SER B 78 -0.18 25.95 -2.15
CA SER B 78 0.74 27.09 -2.49
C SER B 78 1.42 27.60 -1.23
N GLY B 79 2.72 27.82 -1.32
CA GLY B 79 3.51 28.20 -0.11
C GLY B 79 3.06 27.19 0.99
N LEU B 80 3.51 25.97 0.74
CA LEU B 80 3.05 24.83 1.61
C LEU B 80 3.61 24.95 3.02
N GLN B 81 2.70 24.73 3.99
CA GLN B 81 3.02 24.63 5.41
C GLN B 81 3.14 23.16 5.81
N ALA B 82 3.88 22.92 6.88
CA ALA B 82 4.09 21.58 7.43
C ALA B 82 2.77 20.83 7.51
N GLU B 83 1.79 21.52 8.08
CA GLU B 83 0.42 21.10 8.27
C GLU B 83 -0.24 20.48 7.05
N ASP B 84 0.38 20.66 5.90
CA ASP B 84 -0.21 20.24 4.60
C ASP B 84 0.19 18.80 4.30
N GLU B 85 1.26 18.38 4.92
CA GLU B 85 1.74 17.00 4.87
C GLU B 85 0.68 16.01 5.33
N ALA B 86 0.26 15.20 4.38
CA ALA B 86 -0.73 14.13 4.55
C ALA B 86 -0.82 13.34 3.24
N ASP B 87 -1.79 12.44 3.21
CA ASP B 87 -2.17 11.77 1.95
C ASP B 87 -3.40 12.47 1.37
N TYR B 88 -3.37 12.56 0.07
CA TYR B 88 -4.48 13.14 -0.69
C TYR B 88 -5.05 12.10 -1.63
N TYR B 89 -6.36 12.13 -1.80
CA TYR B 89 -7.08 11.28 -2.72
C TYR B 89 -7.97 12.15 -3.62
N CYS B 90 -8.26 11.58 -4.78
CA CYS B 90 -9.32 12.12 -5.64
C CYS B 90 -10.46 11.08 -5.56
N SER B 91 -11.60 11.53 -6.04
CA SER B 91 -12.85 10.75 -5.94
C SER B 91 -13.75 11.20 -7.08
N SER B 92 -14.37 10.23 -7.71
CA SER B 92 -15.24 10.50 -8.85
C SER B 92 -16.47 9.59 -8.90
N TYR B 93 -17.58 10.27 -9.14
CA TYR B 93 -18.90 9.65 -9.24
C TYR B 93 -19.06 9.11 -10.68
N GLU B 94 -18.28 8.07 -10.92
CA GLU B 94 -18.32 7.26 -12.15
C GLU B 94 -19.54 6.36 -12.16
N GLY B 95 -19.41 5.16 -12.71
CA GLY B 95 -20.40 4.16 -12.94
C GLY B 95 -21.53 3.94 -11.96
N SER B 96 -21.97 5.01 -11.36
CA SER B 96 -23.06 5.21 -10.43
C SER B 96 -23.57 4.00 -9.71
N ASP B 97 -23.19 3.98 -8.44
CA ASP B 97 -23.07 2.79 -7.55
C ASP B 97 -21.53 2.50 -7.62
N ASN B 98 -20.89 3.40 -8.39
CA ASN B 98 -19.43 3.36 -8.55
C ASN B 98 -18.86 4.76 -8.28
N PHE B 99 -18.27 4.87 -7.10
CA PHE B 99 -17.61 6.09 -6.60
C PHE B 99 -16.14 5.67 -6.39
N VAL B 100 -15.33 6.21 -7.29
CA VAL B 100 -13.95 5.73 -7.44
C VAL B 100 -12.90 6.72 -6.97
N PHE B 101 -11.96 6.17 -6.21
CA PHE B 101 -10.83 6.88 -5.62
C PHE B 101 -9.59 6.79 -6.49
N GLY B 102 -8.78 7.84 -6.43
CA GLY B 102 -7.41 7.78 -7.02
C GLY B 102 -6.60 6.88 -6.07
N THR B 103 -5.36 6.61 -6.42
CA THR B 103 -4.52 5.70 -5.63
C THR B 103 -3.87 6.37 -4.43
N GLY B 104 -4.03 7.66 -4.29
CA GLY B 104 -3.44 8.43 -3.17
C GLY B 104 -2.19 9.13 -3.67
N THR B 105 -1.82 10.21 -3.03
CA THR B 105 -0.58 10.96 -3.30
C THR B 105 -0.13 11.50 -1.93
N LYS B 106 0.97 11.02 -1.43
CA LYS B 106 1.49 11.51 -0.13
C LYS B 106 2.25 12.81 -0.40
N VAL B 107 1.98 13.83 0.40
CA VAL B 107 2.68 15.10 0.38
C VAL B 107 3.74 15.12 1.49
N THR B 108 4.97 15.38 1.11
CA THR B 108 6.08 15.39 2.06
C THR B 108 6.86 16.69 2.13
N VAL B 109 7.13 17.08 3.37
CA VAL B 109 7.92 18.30 3.64
C VAL B 109 9.36 17.80 3.80
N LEU B 110 10.09 18.00 2.70
CA LEU B 110 11.48 17.53 2.60
C LEU B 110 12.26 17.95 3.86
N GLY B 111 12.61 16.91 4.60
CA GLY B 111 13.55 17.06 5.74
C GLY B 111 14.97 16.99 5.16
N GLN B 112 15.28 15.82 4.65
CA GLN B 112 16.58 15.50 4.03
C GLN B 112 16.49 15.80 2.53
N PRO B 113 17.56 15.48 1.82
CA PRO B 113 17.59 15.59 0.35
C PRO B 113 16.74 14.51 -0.27
N LYS B 114 16.41 14.73 -1.52
CA LYS B 114 15.68 13.76 -2.34
C LYS B 114 16.60 12.63 -2.81
N ALA B 115 15.98 11.45 -2.88
CA ALA B 115 16.68 10.20 -3.11
C ALA B 115 15.90 9.23 -3.97
N ASN B 116 16.22 9.21 -5.24
CA ASN B 116 15.71 8.22 -6.21
C ASN B 116 16.19 6.82 -5.81
N PRO B 117 15.23 5.88 -5.83
CA PRO B 117 15.40 4.54 -5.30
C PRO B 117 16.31 3.63 -6.10
N THR B 118 17.03 2.76 -5.39
CA THR B 118 17.85 1.72 -6.01
C THR B 118 16.99 0.47 -6.15
N VAL B 119 16.68 0.09 -7.37
CA VAL B 119 15.93 -1.17 -7.57
C VAL B 119 16.93 -2.26 -7.97
N THR B 120 16.65 -3.44 -7.47
CA THR B 120 17.50 -4.64 -7.67
C THR B 120 16.52 -5.77 -7.95
N LEU B 121 16.51 -6.27 -9.17
CA LEU B 121 15.60 -7.39 -9.51
C LEU B 121 16.36 -8.66 -9.14
N PHE B 122 15.63 -9.68 -8.73
CA PHE B 122 16.22 -10.98 -8.36
C PHE B 122 15.32 -12.12 -8.89
N PRO B 123 15.95 -13.08 -9.54
CA PRO B 123 15.25 -14.22 -10.13
C PRO B 123 15.11 -15.41 -9.19
N PRO B 124 14.29 -16.37 -9.61
CA PRO B 124 14.17 -17.67 -8.91
C PRO B 124 15.57 -18.26 -8.80
N SER B 125 15.97 -18.56 -7.58
CA SER B 125 17.23 -19.34 -7.42
C SER B 125 16.94 -20.76 -7.95
N SER B 126 17.99 -21.31 -8.55
CA SER B 126 17.95 -22.70 -9.05
C SER B 126 17.47 -23.62 -7.93
N GLU B 127 18.04 -23.46 -6.75
CA GLU B 127 17.69 -24.35 -5.62
C GLU B 127 16.18 -24.34 -5.43
N GLU B 128 15.63 -23.16 -5.69
CA GLU B 128 14.21 -22.85 -5.54
C GLU B 128 13.36 -23.55 -6.60
N LEU B 129 14.00 -23.65 -7.77
CA LEU B 129 13.31 -24.32 -8.91
C LEU B 129 13.42 -25.82 -8.66
N GLN B 130 14.46 -26.17 -7.93
CA GLN B 130 14.66 -27.58 -7.52
C GLN B 130 13.50 -27.96 -6.63
N ALA B 131 12.97 -26.96 -5.90
CA ALA B 131 11.74 -27.22 -5.10
C ALA B 131 10.45 -26.94 -5.85
N ASN B 132 10.51 -26.71 -7.12
CA ASN B 132 9.45 -26.37 -8.03
C ASN B 132 8.58 -25.19 -7.56
N LYS B 133 9.28 -24.16 -7.17
CA LYS B 133 8.71 -22.88 -6.72
C LYS B 133 9.32 -21.82 -7.66
N ALA B 134 8.57 -20.77 -7.93
CA ALA B 134 9.22 -19.64 -8.66
C ALA B 134 8.86 -18.36 -7.93
N THR B 135 9.88 -17.62 -7.50
CA THR B 135 9.63 -16.36 -6.78
C THR B 135 10.60 -15.26 -7.15
N LEU B 136 10.03 -14.14 -7.60
CA LEU B 136 10.78 -12.96 -8.07
C LEU B 136 10.68 -11.77 -7.11
N VAL B 137 11.82 -11.21 -6.75
CA VAL B 137 11.89 -10.10 -5.79
C VAL B 137 12.46 -8.86 -6.50
N CYS B 138 11.93 -7.73 -6.05
CA CYS B 138 12.35 -6.39 -6.53
C CYS B 138 12.68 -5.60 -5.25
N LEU B 139 13.94 -5.36 -5.03
CA LEU B 139 14.39 -4.60 -3.85
C LEU B 139 14.39 -3.13 -4.27
N ILE B 140 13.79 -2.32 -3.45
CA ILE B 140 13.78 -0.86 -3.64
C ILE B 140 14.39 -0.30 -2.35
N SER B 141 15.63 0.13 -2.46
CA SER B 141 16.39 0.61 -1.31
C SER B 141 16.83 2.06 -1.48
N ASP B 142 17.04 2.67 -0.32
CA ASP B 142 17.58 4.02 -0.17
C ASP B 142 16.83 5.04 -1.03
N PHE B 143 15.67 5.46 -0.56
CA PHE B 143 14.86 6.46 -1.27
C PHE B 143 14.08 7.37 -0.29
N TYR B 144 13.82 8.57 -0.82
CA TYR B 144 13.14 9.61 -0.03
C TYR B 144 12.58 10.68 -0.96
N PRO B 145 11.34 11.09 -0.76
CA PRO B 145 10.41 10.63 0.27
C PRO B 145 9.93 9.20 0.09
N GLY B 146 9.47 8.60 1.18
CA GLY B 146 9.06 7.26 1.34
C GLY B 146 7.81 6.77 0.68
N ALA B 147 7.53 7.22 -0.53
CA ALA B 147 6.45 6.64 -1.35
C ALA B 147 6.95 6.21 -2.72
N VAL B 148 6.53 5.00 -3.08
CA VAL B 148 6.92 4.35 -4.34
C VAL B 148 5.72 3.70 -5.02
N THR B 149 5.74 3.69 -6.36
CA THR B 149 4.78 2.88 -7.13
C THR B 149 5.46 1.73 -7.85
N VAL B 150 4.84 0.57 -7.76
CA VAL B 150 5.36 -0.70 -8.29
C VAL B 150 4.48 -1.24 -9.40
N ALA B 151 5.10 -1.90 -10.36
CA ALA B 151 4.37 -2.51 -11.49
C ALA B 151 5.23 -3.59 -12.12
N TRP B 152 4.64 -4.76 -12.31
CA TRP B 152 5.30 -5.88 -12.97
C TRP B 152 4.86 -6.00 -14.43
N LYS B 153 5.80 -6.62 -15.17
CA LYS B 153 5.57 -6.91 -16.60
C LYS B 153 6.14 -8.28 -16.92
N ALA B 154 5.46 -8.97 -17.80
CA ALA B 154 5.86 -10.25 -18.39
C ALA B 154 5.76 -10.02 -19.90
N ASP B 155 6.89 -9.53 -20.39
CA ASP B 155 7.08 -9.20 -21.82
C ASP B 155 6.16 -8.03 -22.19
N GLY B 156 6.32 -6.96 -21.42
CA GLY B 156 5.59 -5.70 -21.68
C GLY B 156 4.13 -5.85 -21.28
N SER B 157 3.66 -7.11 -21.18
CA SER B 157 2.30 -7.23 -20.56
C SER B 157 2.44 -6.84 -19.09
N PRO B 158 1.68 -5.81 -18.70
CA PRO B 158 1.47 -5.50 -17.26
C PRO B 158 0.87 -6.72 -16.60
N VAL B 159 1.40 -7.11 -15.43
CA VAL B 159 1.03 -8.41 -14.85
C VAL B 159 -0.04 -8.40 -13.79
N LYS B 160 -1.00 -9.29 -14.08
CA LYS B 160 -2.22 -9.52 -13.36
C LYS B 160 -2.05 -9.78 -11.86
N ALA B 161 -1.70 -11.02 -11.54
CA ALA B 161 -1.76 -11.52 -10.16
C ALA B 161 -0.46 -12.24 -9.85
N GLY B 162 -0.11 -12.16 -8.59
CA GLY B 162 1.11 -12.82 -8.08
C GLY B 162 1.81 -11.80 -7.17
N VAL B 163 1.62 -10.55 -7.55
CA VAL B 163 2.29 -9.42 -6.94
C VAL B 163 1.80 -9.15 -5.51
N GLU B 164 2.78 -8.73 -4.72
CA GLU B 164 2.54 -8.20 -3.37
C GLU B 164 3.67 -7.22 -3.09
N THR B 165 3.33 -5.99 -2.71
CA THR B 165 4.33 -4.97 -2.37
C THR B 165 4.25 -4.72 -0.86
N THR B 166 5.39 -4.74 -0.22
CA THR B 166 5.45 -4.39 1.24
C THR B 166 5.22 -2.90 1.36
N LYS B 167 5.19 -2.37 2.57
CA LYS B 167 5.14 -0.91 2.81
C LYS B 167 6.54 -0.37 3.05
N PRO B 168 6.82 0.82 2.52
CA PRO B 168 8.10 1.49 2.73
C PRO B 168 8.45 1.63 4.21
N SER B 169 9.56 1.01 4.59
CA SER B 169 10.12 1.03 5.94
C SER B 169 11.38 1.91 5.92
N LYS B 170 11.52 2.66 6.99
CA LYS B 170 12.68 3.55 7.18
C LYS B 170 13.85 2.64 7.58
N GLN B 171 15.00 3.02 7.08
CA GLN B 171 16.26 2.28 7.31
C GLN B 171 17.07 3.04 8.36
N SER B 172 18.22 2.51 8.69
CA SER B 172 19.08 3.08 9.73
C SER B 172 19.84 4.29 9.20
N ASN B 173 19.69 4.55 7.91
CA ASN B 173 20.22 5.77 7.28
C ASN B 173 19.08 6.75 7.02
N ASN B 174 17.96 6.47 7.64
CA ASN B 174 16.78 7.34 7.60
C ASN B 174 16.05 7.43 6.28
N LYS B 175 16.52 6.79 5.23
CA LYS B 175 15.80 6.74 3.95
C LYS B 175 14.97 5.45 3.91
N TYR B 176 14.41 5.14 2.75
CA TYR B 176 13.41 4.09 2.65
C TYR B 176 13.77 2.85 1.87
N ALA B 177 13.04 1.81 2.27
CA ALA B 177 13.23 0.43 1.82
C ALA B 177 11.85 -0.24 1.75
N ALA B 178 11.51 -0.57 0.52
CA ALA B 178 10.30 -1.33 0.21
C ALA B 178 10.76 -2.45 -0.74
N SER B 179 9.90 -3.43 -0.82
CA SER B 179 10.19 -4.61 -1.64
C SER B 179 8.86 -5.14 -2.18
N SER B 180 9.01 -5.87 -3.25
CA SER B 180 7.87 -6.37 -4.01
C SER B 180 8.23 -7.79 -4.45
N TYR B 181 7.20 -8.60 -4.56
CA TYR B 181 7.39 -9.96 -5.05
C TYR B 181 6.23 -10.41 -5.95
N LEU B 182 6.62 -11.45 -6.66
CA LEU B 182 5.72 -12.17 -7.60
C LEU B 182 6.00 -13.65 -7.40
N SER B 183 4.94 -14.43 -7.41
CA SER B 183 5.01 -15.90 -7.33
C SER B 183 4.55 -16.49 -8.68
N LEU B 184 5.33 -17.45 -9.15
CA LEU B 184 5.08 -18.19 -10.36
C LEU B 184 5.33 -19.71 -10.11
N THR B 185 4.87 -20.38 -11.17
CA THR B 185 5.31 -21.76 -11.46
C THR B 185 6.60 -21.60 -12.27
N PRO B 186 7.41 -22.63 -12.23
CA PRO B 186 8.69 -22.62 -12.98
C PRO B 186 8.41 -22.61 -14.47
N GLU B 187 7.15 -22.92 -14.83
CA GLU B 187 6.73 -22.89 -16.23
C GLU B 187 6.15 -21.54 -16.60
N GLN B 188 5.40 -20.92 -15.72
CA GLN B 188 5.01 -19.50 -15.87
C GLN B 188 6.29 -18.64 -16.04
N TRP B 189 7.29 -19.05 -15.28
CA TRP B 189 8.66 -18.49 -15.43
C TRP B 189 9.18 -18.85 -16.82
N LYS B 190 9.55 -20.10 -16.99
CA LYS B 190 10.19 -20.60 -18.20
C LYS B 190 9.47 -20.36 -19.50
N SER B 191 8.23 -19.93 -19.49
CA SER B 191 7.54 -19.53 -20.73
C SER B 191 8.13 -18.23 -21.29
N HIS B 192 8.18 -17.22 -20.44
CA HIS B 192 8.46 -15.85 -20.85
C HIS B 192 9.87 -15.54 -21.26
N ARG B 193 9.97 -14.44 -22.00
CA ARG B 193 11.25 -13.93 -22.51
C ARG B 193 11.92 -13.08 -21.46
N SER B 194 11.13 -12.25 -20.78
CA SER B 194 11.65 -11.38 -19.72
C SER B 194 10.52 -10.96 -18.79
N TYR B 195 10.90 -10.67 -17.56
CA TYR B 195 10.07 -10.10 -16.52
C TYR B 195 10.72 -8.76 -16.12
N SER B 196 9.86 -7.79 -15.82
CA SER B 196 10.32 -6.46 -15.39
C SER B 196 9.70 -6.09 -14.03
N CYS B 197 10.51 -5.33 -13.31
CA CYS B 197 10.09 -4.63 -12.10
C CYS B 197 10.21 -3.12 -12.44
N GLN B 198 9.10 -2.44 -12.32
CA GLN B 198 9.03 -1.02 -12.68
C GLN B 198 8.63 -0.18 -11.47
N VAL B 199 9.40 0.88 -11.24
CA VAL B 199 9.25 1.64 -9.98
C VAL B 199 9.34 3.13 -10.19
N THR B 200 8.28 3.79 -9.72
CA THR B 200 8.10 5.23 -9.80
C THR B 200 8.22 5.91 -8.44
N HIS B 201 8.88 7.04 -8.49
CA HIS B 201 9.21 7.87 -7.32
C HIS B 201 9.17 9.33 -7.74
N GLU B 202 7.97 9.73 -8.15
CA GLU B 202 7.68 11.15 -8.41
C GLU B 202 8.64 11.68 -9.48
N GLY B 203 8.07 11.69 -10.67
CA GLY B 203 8.73 12.16 -11.88
C GLY B 203 10.01 11.36 -12.13
N SER B 204 10.11 10.22 -11.39
CA SER B 204 11.30 9.38 -11.76
C SER B 204 10.86 7.93 -11.79
N THR B 205 11.06 7.36 -12.99
CA THR B 205 10.71 5.96 -13.24
C THR B 205 11.96 5.15 -13.58
N VAL B 206 11.99 3.95 -13.03
CA VAL B 206 13.12 3.02 -13.25
C VAL B 206 12.59 1.60 -13.47
N GLU B 207 13.00 1.02 -14.59
CA GLU B 207 12.64 -0.37 -14.91
C GLU B 207 13.88 -1.27 -15.00
N LYS B 208 13.75 -2.42 -14.35
CA LYS B 208 14.77 -3.48 -14.38
C LYS B 208 14.19 -4.73 -15.06
N THR B 209 15.06 -5.39 -15.81
CA THR B 209 14.69 -6.58 -16.59
C THR B 209 15.48 -7.80 -16.13
N VAL B 210 14.76 -8.90 -16.14
CA VAL B 210 15.31 -10.23 -15.73
C VAL B 210 14.68 -11.26 -16.66
N ALA B 211 15.52 -12.09 -17.25
CA ALA B 211 15.04 -13.13 -18.18
C ALA B 211 15.33 -14.51 -17.60
N PRO B 212 14.60 -15.48 -18.12
CA PRO B 212 14.80 -16.87 -17.76
C PRO B 212 16.12 -17.41 -18.34
N THR B 213 16.72 -18.23 -17.50
CA THR B 213 17.92 -19.02 -17.74
C THR B 213 17.59 -20.40 -17.15
N GLU B 214 18.11 -21.44 -17.77
CA GLU B 214 17.87 -22.82 -17.29
C GLU B 214 18.73 -23.14 -16.09
N CYS B 215 19.97 -22.68 -16.14
CA CYS B 215 20.99 -22.92 -15.09
C CYS B 215 21.06 -24.41 -14.74
N SER B 216 20.43 -24.78 -13.67
CA SER B 216 20.50 -26.05 -12.97
C SER B 216 19.53 -26.01 -11.76
N GLN C 2 -18.58 10.06 -1.23
CA GLN C 2 -19.78 10.72 -1.67
C GLN C 2 -19.68 12.21 -1.90
N HIS C 4 -22.21 13.24 -2.59
CA HIS C 4 -23.60 12.79 -2.39
C HIS C 4 -24.57 13.97 -2.44
#